data_3CY4
#
_entry.id   3CY4
#
_cell.length_a   41.715
_cell.length_b   74.172
_cell.length_c   55.516
_cell.angle_alpha   90.000
_cell.angle_beta   94.670
_cell.angle_gamma   90.000
#
_symmetry.space_group_name_H-M   'P 1 21 1'
#
loop_
_entity.id
_entity.type
_entity.pdbx_description
1 polymer 'Cation-dependent mannose-6-phosphate receptor'
2 branched alpha-D-mannopyranose-(1-3)-[alpha-D-mannopyranose-(1-6)]alpha-D-mannopyranose-(1-4)-2-acetamido-2-deoxy-beta-D-glucopyranose-(1-4)-2-acetamido-2-deoxy-beta-D-glucopyranose
3 non-polymer GLYCEROL
4 water water
#
_entity_poly.entity_id   1
_entity_poly.type   'polypeptide(L)'
_entity_poly.pdbx_seq_one_letter_code
;TEEKTCDLVGEKGKESEKELALLKRLTPLFQKSFESTVGQSPDMYSYVFRVCREAGQHSSGAGLVQIQKSNGKETVVGRF
NETQIFQGSNWIMLIYKGGDEYDNHCGREQRRAVVMISCNRHTLADNFNPVSEERGKVQDCFYLFEMDSSLACS
;
_entity_poly.pdbx_strand_id   A,B
#
# COMPACT_ATOMS: atom_id res chain seq x y z
N LYS A 4 8.67 -21.81 -7.06
CA LYS A 4 7.38 -22.40 -7.50
C LYS A 4 6.19 -21.57 -7.01
N THR A 5 6.32 -20.97 -5.83
CA THR A 5 5.24 -20.15 -5.27
C THR A 5 5.75 -18.79 -4.81
N CYS A 6 4.88 -18.00 -4.21
CA CYS A 6 5.26 -16.68 -3.72
C CYS A 6 6.39 -16.78 -2.70
N ASP A 7 7.33 -15.85 -2.78
CA ASP A 7 8.43 -15.82 -1.82
C ASP A 7 8.30 -14.48 -1.11
N LEU A 8 8.42 -14.51 0.22
CA LEU A 8 8.30 -13.31 1.03
C LEU A 8 9.66 -12.79 1.47
N VAL A 9 9.71 -11.57 1.96
CA VAL A 9 10.99 -11.03 2.41
C VAL A 9 11.43 -11.80 3.65
N GLY A 10 12.74 -12.06 3.73
CA GLY A 10 13.29 -12.79 4.85
C GLY A 10 13.61 -14.22 4.48
N GLU A 11 14.70 -14.75 5.03
CA GLU A 11 15.10 -16.12 4.74
C GLU A 11 14.12 -17.09 5.40
N LYS A 12 14.18 -18.35 5.01
CA LYS A 12 13.30 -19.37 5.58
C LYS A 12 13.49 -19.36 7.09
N GLY A 13 12.39 -19.24 7.82
CA GLY A 13 12.45 -19.22 9.27
C GLY A 13 12.35 -17.82 9.82
N LYS A 14 12.47 -16.83 8.94
CA LYS A 14 12.40 -15.44 9.37
C LYS A 14 11.30 -14.67 8.65
N GLU A 15 10.46 -15.38 7.88
CA GLU A 15 9.38 -14.73 7.15
C GLU A 15 8.21 -14.44 8.10
N SER A 16 7.39 -13.46 7.75
CA SER A 16 6.23 -13.10 8.57
C SER A 16 5.18 -14.20 8.59
N GLU A 17 4.77 -14.60 9.79
CA GLU A 17 3.74 -15.63 9.91
C GLU A 17 2.42 -15.06 9.42
N LYS A 18 2.25 -13.75 9.51
CA LYS A 18 1.03 -13.11 9.06
C LYS A 18 0.94 -13.21 7.54
N GLU A 19 2.05 -12.94 6.86
CA GLU A 19 2.06 -13.03 5.41
C GLU A 19 1.89 -14.46 4.95
N LEU A 20 2.52 -15.39 5.65
CA LEU A 20 2.42 -16.80 5.30
C LEU A 20 0.97 -17.26 5.42
N ALA A 21 0.29 -16.78 6.45
CA ALA A 21 -1.11 -17.14 6.66
C ALA A 21 -2.00 -16.57 5.56
N LEU A 22 -1.66 -15.37 5.06
CA LEU A 22 -2.47 -14.78 3.99
C LEU A 22 -2.25 -15.52 2.67
N LEU A 23 -1.01 -15.98 2.44
CA LEU A 23 -0.74 -16.73 1.21
C LEU A 23 -1.58 -17.99 1.28
N LYS A 24 -1.69 -18.55 2.49
CA LYS A 24 -2.51 -19.75 2.69
C LYS A 24 -3.97 -19.46 2.35
N ARG A 25 -4.45 -18.30 2.79
CA ARG A 25 -5.82 -17.92 2.54
C ARG A 25 -6.14 -17.76 1.05
N LEU A 26 -5.14 -17.32 0.28
CA LEU A 26 -5.35 -17.12 -1.15
C LEU A 26 -5.05 -18.34 -2.01
N THR A 27 -4.65 -19.44 -1.38
CA THR A 27 -4.32 -20.67 -2.11
C THR A 27 -5.39 -21.08 -3.13
N PRO A 28 -6.69 -20.89 -2.82
CA PRO A 28 -7.73 -21.27 -3.77
C PRO A 28 -7.65 -20.56 -5.12
N LEU A 29 -6.87 -19.48 -5.18
CA LEU A 29 -6.73 -18.72 -6.43
C LEU A 29 -5.51 -19.08 -7.26
N PHE A 30 -4.57 -19.82 -6.67
CA PHE A 30 -3.34 -20.17 -7.36
C PHE A 30 -3.45 -20.73 -8.79
N GLN A 31 -4.38 -21.65 -9.02
CA GLN A 31 -4.50 -22.23 -10.35
C GLN A 31 -5.30 -21.39 -11.34
N LYS A 32 -5.81 -20.26 -10.88
CA LYS A 32 -6.59 -19.40 -11.76
C LYS A 32 -5.70 -18.45 -12.53
N SER A 33 -6.29 -17.81 -13.53
CA SER A 33 -5.58 -16.83 -14.36
C SER A 33 -6.57 -15.71 -14.65
N PHE A 34 -6.14 -14.47 -14.46
CA PHE A 34 -7.02 -13.32 -14.72
C PHE A 34 -6.42 -12.45 -15.81
N GLU A 35 -7.28 -11.97 -16.71
CA GLU A 35 -6.81 -11.15 -17.82
C GLU A 35 -7.68 -9.94 -18.11
N SER A 36 -7.07 -8.91 -18.65
CA SER A 36 -7.79 -7.70 -19.00
C SER A 36 -7.01 -6.90 -20.05
N THR A 37 -7.68 -6.60 -21.15
CA THR A 37 -7.07 -5.83 -22.23
C THR A 37 -7.58 -4.40 -22.13
N VAL A 38 -6.66 -3.45 -22.09
CA VAL A 38 -7.01 -2.04 -21.97
C VAL A 38 -6.08 -1.16 -22.79
N GLY A 39 -6.43 0.12 -22.90
CA GLY A 39 -5.61 1.07 -23.63
C GLY A 39 -5.92 1.19 -25.11
N GLN A 40 -5.42 2.26 -25.70
CA GLN A 40 -5.62 2.51 -27.13
C GLN A 40 -4.27 2.45 -27.82
N SER A 41 -4.29 2.19 -29.13
CA SER A 41 -3.06 2.14 -29.91
C SER A 41 -2.29 3.43 -29.69
N PRO A 42 -0.95 3.37 -29.68
CA PRO A 42 -0.13 2.16 -29.86
C PRO A 42 0.21 1.51 -28.53
N ASP A 43 -0.57 1.82 -27.49
CA ASP A 43 -0.32 1.27 -26.17
C ASP A 43 -1.41 0.35 -25.64
N MET A 44 -1.99 -0.47 -26.52
CA MET A 44 -3.03 -1.39 -26.06
C MET A 44 -2.32 -2.58 -25.42
N TYR A 45 -2.71 -2.88 -24.18
CA TYR A 45 -2.09 -3.98 -23.43
C TYR A 45 -3.06 -5.02 -22.94
N SER A 46 -2.54 -6.23 -22.75
CA SER A 46 -3.30 -7.32 -22.18
C SER A 46 -2.54 -7.63 -20.90
N TYR A 47 -3.18 -7.44 -19.76
CA TYR A 47 -2.52 -7.73 -18.49
C TYR A 47 -2.99 -9.10 -18.03
N VAL A 48 -2.05 -9.96 -17.65
CA VAL A 48 -2.37 -11.29 -17.16
C VAL A 48 -1.81 -11.37 -15.74
N PHE A 49 -2.68 -11.76 -14.81
CA PHE A 49 -2.35 -11.83 -13.39
C PHE A 49 -2.64 -13.20 -12.79
N ARG A 50 -1.70 -13.69 -11.99
CA ARG A 50 -1.87 -14.96 -11.31
C ARG A 50 -1.37 -14.80 -9.88
N VAL A 51 -1.95 -15.55 -8.96
CA VAL A 51 -1.55 -15.50 -7.57
C VAL A 51 -0.51 -16.59 -7.29
N CYS A 52 0.73 -16.16 -7.07
CA CYS A 52 1.84 -17.07 -6.76
C CYS A 52 2.22 -18.09 -7.81
N ARG A 53 1.87 -17.83 -9.07
CA ARG A 53 2.21 -18.75 -10.15
C ARG A 53 2.61 -17.97 -11.40
N GLU A 54 3.33 -18.63 -12.31
CA GLU A 54 3.80 -18.00 -13.54
C GLU A 54 2.68 -17.50 -14.45
N ALA A 55 2.68 -16.20 -14.72
CA ALA A 55 1.67 -15.59 -15.56
C ALA A 55 2.18 -15.32 -16.97
N GLY A 56 3.50 -15.44 -17.16
CA GLY A 56 4.09 -15.20 -18.46
C GLY A 56 4.41 -16.46 -19.26
N GLN A 57 4.93 -16.27 -20.47
CA GLN A 57 5.28 -17.37 -21.35
C GLN A 57 6.78 -17.57 -21.52
N HIS A 58 7.58 -16.96 -20.65
CA HIS A 58 9.03 -17.09 -20.78
C HIS A 58 9.73 -17.58 -19.51
N SER A 59 8.98 -18.19 -18.61
CA SER A 59 9.53 -18.71 -17.36
C SER A 59 10.33 -17.62 -16.64
N SER A 60 9.86 -16.38 -16.72
CA SER A 60 10.53 -15.25 -16.10
C SER A 60 10.16 -15.11 -14.62
N GLY A 61 9.23 -15.94 -14.15
CA GLY A 61 8.81 -15.88 -12.76
C GLY A 61 7.84 -14.74 -12.53
N ALA A 62 7.13 -14.36 -13.58
CA ALA A 62 6.18 -13.26 -13.51
C ALA A 62 4.87 -13.60 -12.81
N GLY A 63 4.44 -12.69 -11.93
CA GLY A 63 3.18 -12.87 -11.24
C GLY A 63 2.16 -12.05 -12.01
N LEU A 64 2.65 -11.06 -12.73
CA LEU A 64 1.77 -10.21 -13.53
C LEU A 64 2.56 -9.71 -14.72
N VAL A 65 2.04 -9.94 -15.91
CA VAL A 65 2.71 -9.51 -17.13
C VAL A 65 1.85 -8.55 -17.93
N GLN A 66 2.53 -7.74 -18.73
CA GLN A 66 1.89 -6.77 -19.61
C GLN A 66 2.27 -7.20 -21.02
N ILE A 67 1.28 -7.62 -21.80
CA ILE A 67 1.52 -8.06 -23.17
C ILE A 67 1.20 -6.94 -24.15
N GLN A 68 2.18 -6.59 -24.98
CA GLN A 68 1.97 -5.56 -25.99
C GLN A 68 1.15 -6.20 -27.10
N LYS A 69 -0.09 -5.75 -27.27
CA LYS A 69 -0.95 -6.32 -28.29
C LYS A 69 -0.40 -6.16 -29.70
N SER A 70 0.37 -5.10 -29.93
CA SER A 70 0.92 -4.84 -31.26
C SER A 70 1.90 -5.88 -31.77
N ASN A 71 2.69 -6.46 -30.88
CA ASN A 71 3.68 -7.46 -31.29
C ASN A 71 3.78 -8.68 -30.39
N GLY A 72 2.94 -8.74 -29.36
CA GLY A 72 2.97 -9.88 -28.45
C GLY A 72 4.11 -9.84 -27.47
N LYS A 73 4.87 -8.74 -27.45
CA LYS A 73 6.00 -8.58 -26.54
C LYS A 73 5.48 -8.66 -25.10
N GLU A 74 6.21 -9.36 -24.25
CA GLU A 74 5.81 -9.52 -22.86
C GLU A 74 6.74 -8.77 -21.90
N THR A 75 6.16 -7.91 -21.08
CA THR A 75 6.91 -7.14 -20.10
C THR A 75 6.45 -7.55 -18.71
N VAL A 76 7.39 -7.92 -17.85
CA VAL A 76 7.04 -8.35 -16.51
C VAL A 76 6.78 -7.14 -15.62
N VAL A 77 5.58 -7.06 -15.07
CA VAL A 77 5.21 -5.95 -14.20
C VAL A 77 5.69 -6.23 -12.78
N GLY A 78 5.57 -7.49 -12.38
CA GLY A 78 6.00 -7.86 -11.03
C GLY A 78 6.24 -9.36 -10.98
N ARG A 79 7.21 -9.77 -10.16
CA ARG A 79 7.55 -11.17 -10.01
C ARG A 79 7.13 -11.69 -8.64
N PHE A 80 6.52 -12.88 -8.60
CA PHE A 80 6.05 -13.40 -7.33
C PHE A 80 7.13 -13.87 -6.35
N ASN A 81 8.40 -13.84 -6.79
CA ASN A 81 9.52 -14.21 -5.94
C ASN A 81 9.79 -13.03 -5.00
N GLU A 82 9.06 -11.93 -5.20
CA GLU A 82 9.18 -10.73 -4.38
C GLU A 82 7.78 -10.26 -4.01
N THR A 83 7.09 -11.09 -3.26
CA THR A 83 5.73 -10.82 -2.82
C THR A 83 5.62 -10.20 -1.43
N GLN A 84 4.67 -9.28 -1.30
CA GLN A 84 4.34 -8.69 -0.01
C GLN A 84 2.82 -8.79 0.01
N ILE A 85 2.25 -9.13 1.16
CA ILE A 85 0.82 -9.29 1.25
C ILE A 85 0.32 -8.96 2.65
N PHE A 86 -0.71 -8.12 2.74
CA PHE A 86 -1.27 -7.77 4.03
C PHE A 86 -2.76 -7.50 3.93
N GLN A 87 -3.45 -7.58 5.06
CA GLN A 87 -4.89 -7.39 5.04
C GLN A 87 -5.43 -6.31 5.94
N GLY A 88 -6.62 -5.84 5.58
CA GLY A 88 -7.31 -4.83 6.35
C GLY A 88 -8.59 -5.52 6.78
N SER A 89 -9.59 -4.75 7.19
CA SER A 89 -10.85 -5.34 7.64
C SER A 89 -11.61 -6.08 6.53
N ASN A 90 -11.67 -5.49 5.33
CA ASN A 90 -12.41 -6.10 4.23
C ASN A 90 -11.66 -6.04 2.90
N TRP A 91 -10.33 -6.08 2.97
CA TRP A 91 -9.51 -6.04 1.76
C TRP A 91 -8.15 -6.68 2.00
N ILE A 92 -7.48 -7.03 0.91
CA ILE A 92 -6.15 -7.63 0.97
C ILE A 92 -5.33 -6.96 -0.14
N MET A 93 -4.14 -6.50 0.19
CA MET A 93 -3.28 -5.89 -0.82
C MET A 93 -2.13 -6.85 -1.09
N LEU A 94 -1.96 -7.18 -2.36
CA LEU A 94 -0.90 -8.08 -2.80
C LEU A 94 0.05 -7.29 -3.68
N ILE A 95 1.34 -7.35 -3.37
CA ILE A 95 2.32 -6.59 -4.13
C ILE A 95 3.43 -7.49 -4.68
N TYR A 96 3.71 -7.34 -5.98
CA TYR A 96 4.77 -8.09 -6.63
C TYR A 96 5.81 -7.07 -7.09
N LYS A 97 6.99 -7.11 -6.50
CA LYS A 97 8.06 -6.18 -6.90
C LYS A 97 8.96 -6.93 -7.87
N GLY A 98 10.06 -6.32 -8.25
CA GLY A 98 11.01 -6.97 -9.15
C GLY A 98 10.60 -7.20 -10.58
N GLY A 99 9.78 -6.32 -11.13
CA GLY A 99 9.40 -6.47 -12.52
C GLY A 99 10.55 -5.96 -13.37
N ASP A 100 10.38 -5.96 -14.69
CA ASP A 100 11.44 -5.48 -15.57
C ASP A 100 11.65 -3.99 -15.34
N GLU A 101 12.89 -3.54 -15.50
CA GLU A 101 13.22 -2.12 -15.30
C GLU A 101 12.62 -1.22 -16.37
N TYR A 102 12.27 -0.01 -15.96
CA TYR A 102 11.76 0.99 -16.89
C TYR A 102 13.02 1.41 -17.65
N ASP A 103 12.85 1.85 -18.89
CA ASP A 103 13.98 2.29 -19.70
C ASP A 103 14.26 3.79 -19.51
N ASN A 104 13.21 4.59 -19.46
CA ASN A 104 13.36 6.04 -19.31
C ASN A 104 12.39 6.68 -18.31
N HIS A 105 12.00 5.93 -17.28
CA HIS A 105 11.10 6.42 -16.26
C HIS A 105 11.52 5.94 -14.89
N CYS A 106 11.09 6.65 -13.86
CA CYS A 106 11.35 6.24 -12.48
C CYS A 106 12.79 5.85 -12.13
N GLY A 107 13.76 6.55 -12.70
CA GLY A 107 15.16 6.22 -12.41
C GLY A 107 15.51 4.78 -12.77
N ARG A 108 14.83 4.24 -13.78
CA ARG A 108 15.05 2.88 -14.26
C ARG A 108 14.74 1.84 -13.19
N GLU A 109 13.82 2.19 -12.30
CA GLU A 109 13.39 1.29 -11.23
C GLU A 109 12.69 0.07 -11.82
N GLN A 110 12.77 -1.06 -11.12
CA GLN A 110 12.10 -2.28 -11.56
C GLN A 110 10.61 -2.05 -11.36
N ARG A 111 9.80 -2.46 -12.33
CA ARG A 111 8.36 -2.29 -12.23
C ARG A 111 7.81 -3.06 -11.03
N ARG A 112 6.61 -2.70 -10.62
CA ARG A 112 5.97 -3.39 -9.51
C ARG A 112 4.46 -3.39 -9.72
N ALA A 113 3.82 -4.44 -9.27
CA ALA A 113 2.37 -4.56 -9.40
C ALA A 113 1.75 -4.50 -8.01
N VAL A 114 0.69 -3.71 -7.88
CA VAL A 114 -0.04 -3.58 -6.62
C VAL A 114 -1.46 -4.00 -6.94
N VAL A 115 -1.96 -5.01 -6.23
CA VAL A 115 -3.31 -5.49 -6.48
C VAL A 115 -4.15 -5.36 -5.22
N MET A 116 -5.21 -4.57 -5.30
CA MET A 116 -6.12 -4.36 -4.19
C MET A 116 -7.29 -5.32 -4.36
N ILE A 117 -7.38 -6.30 -3.47
CA ILE A 117 -8.46 -7.30 -3.51
C ILE A 117 -9.54 -6.90 -2.51
N SER A 118 -10.72 -6.56 -2.99
CA SER A 118 -11.83 -6.14 -2.14
C SER A 118 -12.82 -7.26 -1.83
N CYS A 119 -13.36 -7.24 -0.61
CA CYS A 119 -14.33 -8.24 -0.19
C CYS A 119 -15.61 -8.20 -1.02
N ASN A 120 -16.02 -9.38 -1.47
CA ASN A 120 -17.25 -9.56 -2.23
C ASN A 120 -17.64 -10.99 -1.88
N ARG A 121 -18.61 -11.13 -0.99
CA ARG A 121 -19.05 -12.44 -0.54
C ARG A 121 -19.67 -13.33 -1.61
N HIS A 122 -20.07 -12.73 -2.71
CA HIS A 122 -20.71 -13.48 -3.80
C HIS A 122 -19.78 -14.12 -4.82
N THR A 123 -18.47 -13.92 -4.70
CA THR A 123 -17.56 -14.50 -5.67
C THR A 123 -16.19 -14.83 -5.07
N LEU A 124 -15.59 -15.94 -5.50
CA LEU A 124 -14.27 -16.31 -5.02
C LEU A 124 -13.24 -15.41 -5.69
N ALA A 125 -13.57 -14.96 -6.90
CA ALA A 125 -12.70 -14.08 -7.67
C ALA A 125 -13.45 -13.55 -8.89
N ASP A 126 -13.38 -12.24 -9.10
CA ASP A 126 -14.05 -11.64 -10.24
C ASP A 126 -13.65 -10.17 -10.39
N ASN A 127 -13.93 -9.62 -11.55
CA ASN A 127 -13.66 -8.22 -11.82
C ASN A 127 -12.20 -7.76 -11.80
N PHE A 128 -11.28 -8.60 -12.27
CA PHE A 128 -9.88 -8.19 -12.31
C PHE A 128 -9.84 -6.97 -13.24
N ASN A 129 -9.25 -5.87 -12.79
CA ASN A 129 -9.24 -4.67 -13.61
C ASN A 129 -8.02 -3.76 -13.40
N PRO A 130 -7.32 -3.42 -14.49
CA PRO A 130 -6.16 -2.53 -14.37
C PRO A 130 -6.73 -1.16 -14.05
N VAL A 131 -6.20 -0.50 -13.02
CA VAL A 131 -6.71 0.81 -12.64
C VAL A 131 -5.87 1.97 -13.13
N SER A 132 -4.56 1.89 -12.93
CA SER A 132 -3.69 2.98 -13.34
C SER A 132 -2.23 2.61 -13.26
N GLU A 133 -1.39 3.48 -13.82
CA GLU A 133 0.05 3.30 -13.76
C GLU A 133 0.68 4.61 -13.37
N GLU A 134 1.47 4.60 -12.31
CA GLU A 134 2.18 5.79 -11.86
C GLU A 134 3.61 5.63 -12.34
N ARG A 135 4.00 6.43 -13.32
CA ARG A 135 5.35 6.37 -13.87
C ARG A 135 5.99 7.76 -13.86
N GLY A 136 5.42 8.67 -13.09
CA GLY A 136 5.94 10.03 -13.03
C GLY A 136 6.68 10.44 -11.78
N LYS A 137 7.23 9.47 -11.05
CA LYS A 137 7.97 9.75 -9.82
C LYS A 137 9.43 9.40 -10.01
N VAL A 138 10.29 9.90 -9.12
CA VAL A 138 11.72 9.62 -9.20
C VAL A 138 11.98 8.22 -8.65
N GLN A 139 11.00 7.69 -7.93
CA GLN A 139 11.08 6.36 -7.34
C GLN A 139 9.70 5.98 -6.83
N ASP A 140 9.54 4.72 -6.46
CA ASP A 140 8.28 4.21 -5.94
C ASP A 140 7.15 4.32 -6.95
N CYS A 141 7.42 3.91 -8.17
CA CYS A 141 6.41 3.93 -9.21
C CYS A 141 5.70 2.59 -9.11
N PHE A 142 4.55 2.45 -9.75
CA PHE A 142 3.81 1.19 -9.69
C PHE A 142 2.57 1.13 -10.56
N TYR A 143 2.17 -0.09 -10.89
CA TYR A 143 0.96 -0.34 -11.66
C TYR A 143 -0.06 -0.79 -10.62
N LEU A 144 -1.27 -0.25 -10.70
CA LEU A 144 -2.31 -0.60 -9.75
C LEU A 144 -3.45 -1.39 -10.40
N PHE A 145 -3.91 -2.43 -9.71
CA PHE A 145 -5.00 -3.28 -10.20
C PHE A 145 -5.98 -3.55 -9.08
N GLU A 146 -7.20 -3.91 -9.44
CA GLU A 146 -8.24 -4.23 -8.47
C GLU A 146 -8.94 -5.53 -8.85
N MET A 147 -9.49 -6.21 -7.85
CA MET A 147 -10.22 -7.46 -8.07
C MET A 147 -11.07 -7.72 -6.84
N ASP A 148 -12.16 -8.46 -7.04
CA ASP A 148 -13.07 -8.82 -5.95
C ASP A 148 -12.83 -10.27 -5.55
N SER A 149 -12.99 -10.57 -4.26
CA SER A 149 -12.82 -11.93 -3.78
C SER A 149 -13.38 -12.10 -2.37
N SER A 150 -14.13 -13.18 -2.18
CA SER A 150 -14.72 -13.47 -0.87
C SER A 150 -13.62 -13.76 0.15
N LEU A 151 -12.44 -14.12 -0.34
CA LEU A 151 -11.31 -14.44 0.53
C LEU A 151 -10.82 -13.19 1.27
N ALA A 152 -11.21 -12.02 0.77
CA ALA A 152 -10.81 -10.76 1.40
C ALA A 152 -11.81 -10.34 2.47
N CYS A 153 -12.91 -11.07 2.60
CA CYS A 153 -13.91 -10.75 3.61
C CYS A 153 -13.45 -11.31 4.95
N SER A 154 -13.74 -10.58 6.02
CA SER A 154 -13.37 -11.02 7.36
C SER A 154 -14.54 -10.88 8.31
N THR B 1 4.40 32.76 6.68
CA THR B 1 4.80 31.42 7.09
C THR B 1 3.58 30.51 7.22
N GLU B 2 3.59 29.41 6.48
CA GLU B 2 2.49 28.46 6.53
C GLU B 2 2.87 27.27 7.41
N GLU B 3 1.88 26.48 7.80
CA GLU B 3 2.13 25.31 8.62
C GLU B 3 2.85 24.29 7.75
N LYS B 4 3.73 23.51 8.34
CA LYS B 4 4.44 22.49 7.59
C LYS B 4 3.40 21.47 7.12
N THR B 5 3.61 20.95 5.91
CA THR B 5 2.67 20.00 5.32
C THR B 5 3.38 18.80 4.71
N CYS B 6 2.61 17.90 4.11
CA CYS B 6 3.14 16.70 3.47
C CYS B 6 4.20 17.00 2.42
N ASP B 7 5.25 16.17 2.40
CA ASP B 7 6.31 16.30 1.41
C ASP B 7 6.33 14.96 0.66
N LEU B 8 6.34 15.02 -0.68
CA LEU B 8 6.33 13.82 -1.51
C LEU B 8 7.75 13.50 -1.98
N VAL B 9 7.97 12.29 -2.49
CA VAL B 9 9.31 11.95 -2.95
C VAL B 9 9.68 12.76 -4.19
N GLY B 10 10.94 13.15 -4.25
CA GLY B 10 11.42 13.94 -5.38
C GLY B 10 11.52 15.41 -5.01
N GLU B 11 12.48 16.12 -5.60
CA GLU B 11 12.65 17.54 -5.32
C GLU B 11 11.49 18.31 -5.97
N LYS B 12 11.30 19.56 -5.54
CA LYS B 12 10.23 20.37 -6.11
C LYS B 12 10.42 20.39 -7.62
N GLY B 13 9.32 20.20 -8.35
CA GLY B 13 9.39 20.19 -9.79
C GLY B 13 9.50 18.78 -10.35
N LYS B 14 9.74 17.82 -9.48
CA LYS B 14 9.86 16.42 -9.92
C LYS B 14 8.90 15.50 -9.20
N GLU B 15 7.97 16.07 -8.44
CA GLU B 15 7.00 15.27 -7.69
C GLU B 15 5.83 14.84 -8.59
N SER B 16 5.16 13.76 -8.21
CA SER B 16 4.03 13.26 -8.98
C SER B 16 2.85 14.23 -8.95
N GLU B 17 2.33 14.58 -10.13
CA GLU B 17 1.18 15.47 -10.18
C GLU B 17 -0.02 14.71 -9.64
N LYS B 18 0.00 13.38 -9.76
CA LYS B 18 -1.11 12.58 -9.24
C LYS B 18 -1.14 12.65 -7.72
N GLU B 19 0.02 12.53 -7.09
CA GLU B 19 0.08 12.62 -5.64
C GLU B 19 -0.30 14.01 -5.16
N LEU B 20 0.19 15.03 -5.88
CA LEU B 20 -0.13 16.40 -5.52
C LEU B 20 -1.63 16.64 -5.58
N ALA B 21 -2.27 16.11 -6.61
CA ALA B 21 -3.71 16.28 -6.76
C ALA B 21 -4.47 15.56 -5.65
N LEU B 22 -3.95 14.44 -5.17
CA LEU B 22 -4.63 13.72 -4.10
C LEU B 22 -4.52 14.45 -2.78
N LEU B 23 -3.36 15.07 -2.54
CA LEU B 23 -3.18 15.83 -1.31
C LEU B 23 -4.19 16.97 -1.32
N LYS B 24 -4.35 17.61 -2.48
CA LYS B 24 -5.29 18.71 -2.61
C LYS B 24 -6.71 18.26 -2.30
N ARG B 25 -7.01 17.02 -2.68
CA ARG B 25 -8.34 16.45 -2.46
C ARG B 25 -8.63 16.30 -0.96
N LEU B 26 -7.59 16.01 -0.18
CA LEU B 26 -7.75 15.82 1.26
C LEU B 26 -7.57 17.09 2.09
N THR B 27 -7.39 18.23 1.42
CA THR B 27 -7.20 19.49 2.13
C THR B 27 -8.20 19.72 3.28
N PRO B 28 -9.49 19.42 3.06
CA PRO B 28 -10.48 19.61 4.12
C PRO B 28 -10.19 18.86 5.42
N LEU B 29 -9.34 17.84 5.34
CA LEU B 29 -9.01 17.04 6.52
C LEU B 29 -7.80 17.56 7.31
N PHE B 30 -6.99 18.43 6.70
CA PHE B 30 -5.79 18.93 7.37
C PHE B 30 -6.01 19.50 8.77
N GLN B 31 -7.07 20.28 8.95
CA GLN B 31 -7.36 20.90 10.24
C GLN B 31 -7.86 19.96 11.33
N LYS B 32 -8.23 18.74 10.94
CA LYS B 32 -8.75 17.76 11.88
C LYS B 32 -7.66 16.96 12.58
N SER B 33 -8.04 16.25 13.63
CA SER B 33 -7.13 15.41 14.39
C SER B 33 -7.92 14.18 14.79
N PHE B 34 -7.30 13.00 14.69
CA PHE B 34 -7.99 11.76 15.02
C PHE B 34 -7.25 10.98 16.10
N GLU B 35 -7.99 10.44 17.05
CA GLU B 35 -7.40 9.69 18.15
C GLU B 35 -8.07 8.35 18.34
N SER B 36 -7.31 7.38 18.82
CA SER B 36 -7.84 6.05 19.10
C SER B 36 -6.99 5.39 20.18
N THR B 37 -7.63 5.06 21.29
CA THR B 37 -6.97 4.42 22.41
C THR B 37 -7.20 2.91 22.29
N VAL B 38 -6.12 2.15 22.20
CA VAL B 38 -6.24 0.70 22.06
C VAL B 38 -5.20 -0.08 22.88
N GLY B 39 -5.43 -1.37 23.02
CA GLY B 39 -4.52 -2.22 23.76
C GLY B 39 -4.82 -2.34 25.24
N GLN B 40 -4.02 -3.16 25.91
CA GLN B 40 -4.15 -3.41 27.34
C GLN B 40 -2.81 -3.14 28.02
N SER B 41 -2.86 -2.73 29.28
CA SER B 41 -1.64 -2.48 30.04
C SER B 41 -0.84 -3.78 29.96
N PRO B 42 0.51 -3.69 29.92
CA PRO B 42 1.35 -2.49 29.93
C PRO B 42 1.57 -1.86 28.56
N ASP B 43 0.80 -2.28 27.57
CA ASP B 43 0.97 -1.75 26.22
C ASP B 43 -0.23 -0.96 25.72
N MET B 44 -0.85 -0.17 26.59
CA MET B 44 -1.99 0.64 26.17
C MET B 44 -1.45 1.86 25.43
N TYR B 45 -1.99 2.09 24.22
CA TYR B 45 -1.54 3.21 23.40
C TYR B 45 -2.64 4.16 22.98
N SER B 46 -2.23 5.39 22.70
CA SER B 46 -3.15 6.37 22.18
C SER B 46 -2.52 6.73 20.83
N TYR B 47 -3.22 6.42 19.74
CA TYR B 47 -2.70 6.77 18.43
C TYR B 47 -3.35 8.08 18.02
N VAL B 48 -2.55 9.04 17.59
CA VAL B 48 -3.06 10.33 17.15
C VAL B 48 -2.60 10.51 15.70
N PHE B 49 -3.56 10.75 14.83
CA PHE B 49 -3.31 10.89 13.40
C PHE B 49 -3.85 12.17 12.81
N ARG B 50 -3.06 12.78 11.93
CA ARG B 50 -3.46 13.99 11.23
C ARG B 50 -2.97 13.87 9.79
N VAL B 51 -3.72 14.49 8.87
CA VAL B 51 -3.36 14.47 7.46
C VAL B 51 -2.54 15.72 7.14
N CYS B 52 -1.26 15.51 6.82
CA CYS B 52 -0.33 16.58 6.47
C CYS B 52 -0.10 17.66 7.53
N ARG B 53 -0.26 17.30 8.80
CA ARG B 53 -0.06 18.26 9.89
C ARG B 53 0.51 17.54 11.10
N GLU B 54 1.15 18.32 11.98
CA GLU B 54 1.77 17.80 13.19
C GLU B 54 0.79 17.14 14.15
N ALA B 55 1.00 15.85 14.42
CA ALA B 55 0.13 15.10 15.32
C ALA B 55 0.77 14.95 16.70
N GLY B 56 2.08 15.20 16.78
CA GLY B 56 2.80 15.09 18.02
C GLY B 56 2.86 16.37 18.83
N GLN B 57 3.59 16.34 19.94
CA GLN B 57 3.72 17.51 20.82
C GLN B 57 5.15 18.01 20.93
N HIS B 58 6.03 17.53 20.06
CA HIS B 58 7.43 17.94 20.10
C HIS B 58 7.96 18.53 18.79
N SER B 59 7.05 19.01 17.96
CA SER B 59 7.41 19.60 16.68
C SER B 59 8.42 18.75 15.93
N SER B 60 8.25 17.43 15.98
CA SER B 60 9.18 16.53 15.29
C SER B 60 8.66 16.14 13.91
N GLY B 61 7.59 16.81 13.46
CA GLY B 61 7.04 16.52 12.15
C GLY B 61 6.30 15.19 12.02
N ALA B 62 5.69 14.75 13.10
CA ALA B 62 4.97 13.49 13.07
C ALA B 62 3.57 13.60 12.47
N GLY B 63 3.24 12.67 11.58
CA GLY B 63 1.92 12.66 10.97
C GLY B 63 1.05 11.70 11.78
N LEU B 64 1.70 10.81 12.50
CA LEU B 64 0.97 9.85 13.32
C LEU B 64 1.88 9.44 14.47
N VAL B 65 1.38 9.58 15.68
CA VAL B 65 2.16 9.24 16.86
C VAL B 65 1.46 8.20 17.72
N GLN B 66 2.27 7.44 18.44
CA GLN B 66 1.77 6.43 19.35
C GLN B 66 2.20 6.89 20.75
N ILE B 67 1.24 7.23 21.59
CA ILE B 67 1.54 7.69 22.93
C ILE B 67 1.42 6.56 23.94
N GLN B 68 2.47 6.35 24.73
CA GLN B 68 2.45 5.31 25.76
C GLN B 68 1.58 5.86 26.88
N LYS B 69 0.41 5.28 27.08
CA LYS B 69 -0.53 5.75 28.10
C LYS B 69 0.05 5.78 29.52
N SER B 70 0.90 4.82 29.84
CA SER B 70 1.51 4.72 31.16
C SER B 70 2.45 5.86 31.57
N ASN B 71 3.20 6.41 30.62
CA ASN B 71 4.13 7.49 30.96
C ASN B 71 4.07 8.70 30.03
N GLY B 72 3.19 8.66 29.04
CA GLY B 72 3.06 9.77 28.12
C GLY B 72 4.15 9.88 27.06
N LYS B 73 5.06 8.91 27.01
CA LYS B 73 6.13 8.97 26.02
C LYS B 73 5.56 8.93 24.61
N GLU B 74 6.08 9.79 23.75
CA GLU B 74 5.64 9.86 22.37
C GLU B 74 6.58 9.14 21.42
N THR B 75 6.05 8.17 20.67
CA THR B 75 6.84 7.45 19.68
C THR B 75 6.27 7.81 18.31
N VAL B 76 7.12 8.29 17.42
CA VAL B 76 6.67 8.68 16.08
C VAL B 76 6.54 7.45 15.20
N VAL B 77 5.33 7.24 14.69
CA VAL B 77 5.05 6.09 13.83
C VAL B 77 5.39 6.44 12.38
N GLY B 78 5.14 7.69 12.00
CA GLY B 78 5.44 8.12 10.65
C GLY B 78 5.50 9.63 10.56
N ARG B 79 6.37 10.15 9.72
CA ARG B 79 6.52 11.60 9.55
C ARG B 79 5.94 12.04 8.21
N PHE B 80 5.17 13.11 8.19
CA PHE B 80 4.56 13.55 6.94
C PHE B 80 5.50 14.14 5.91
N ASN B 81 6.77 14.34 6.26
CA ASN B 81 7.70 14.85 5.26
C ASN B 81 8.19 13.70 4.39
N GLU B 82 7.63 12.51 4.63
CA GLU B 82 7.92 11.32 3.84
C GLU B 82 6.59 10.66 3.54
N THR B 83 5.77 11.39 2.79
CA THR B 83 4.42 10.96 2.42
C THR B 83 4.31 10.34 1.04
N GLN B 84 3.49 9.31 0.95
CA GLN B 84 3.16 8.68 -0.33
C GLN B 84 1.64 8.58 -0.28
N ILE B 85 0.98 8.85 -1.39
CA ILE B 85 -0.46 8.78 -1.41
C ILE B 85 -0.96 8.38 -2.79
N PHE B 86 -1.89 7.44 -2.84
CA PHE B 86 -2.45 6.99 -4.11
C PHE B 86 -3.86 6.48 -3.92
N GLN B 87 -4.61 6.41 -5.02
CA GLN B 87 -6.00 6.00 -4.95
C GLN B 87 -6.38 4.85 -5.86
N GLY B 88 -7.45 4.18 -5.47
CA GLY B 88 -8.01 3.11 -6.26
C GLY B 88 -9.39 3.65 -6.62
N SER B 89 -10.34 2.79 -6.95
CA SER B 89 -11.67 3.27 -7.30
C SER B 89 -12.39 3.98 -6.16
N ASN B 90 -12.51 3.31 -5.02
CA ASN B 90 -13.21 3.88 -3.86
C ASN B 90 -12.39 3.88 -2.58
N TRP B 91 -11.08 4.08 -2.71
CA TRP B 91 -10.22 4.12 -1.55
C TRP B 91 -8.98 4.95 -1.85
N ILE B 92 -8.29 5.36 -0.79
CA ILE B 92 -7.07 6.15 -0.91
C ILE B 92 -6.11 5.60 0.15
N MET B 93 -4.88 5.30 -0.23
CA MET B 93 -3.92 4.82 0.75
C MET B 93 -2.90 5.92 0.99
N LEU B 94 -2.69 6.25 2.26
CA LEU B 94 -1.76 7.29 2.68
C LEU B 94 -0.67 6.64 3.52
N ILE B 95 0.59 6.88 3.15
CA ILE B 95 1.71 6.29 3.86
C ILE B 95 2.69 7.34 4.39
N TYR B 96 3.04 7.20 5.66
CA TYR B 96 4.00 8.10 6.31
C TYR B 96 5.22 7.26 6.71
N LYS B 97 6.37 7.53 6.11
CA LYS B 97 7.58 6.80 6.47
C LYS B 97 8.40 7.64 7.43
N GLY B 98 9.60 7.18 7.77
CA GLY B 98 10.47 7.94 8.66
C GLY B 98 10.09 8.01 10.13
N GLY B 99 9.40 7.01 10.65
CA GLY B 99 9.06 7.02 12.07
C GLY B 99 10.29 6.72 12.90
N ASP B 100 10.14 6.71 14.22
CA ASP B 100 11.27 6.40 15.09
C ASP B 100 11.70 4.96 14.85
N GLU B 101 13.00 4.69 14.93
CA GLU B 101 13.52 3.35 14.70
C GLU B 101 13.13 2.34 15.78
N TYR B 102 12.88 1.10 15.37
CA TYR B 102 12.55 0.02 16.31
C TYR B 102 13.85 -0.27 17.05
N ASP B 103 13.75 -0.72 18.31
CA ASP B 103 14.92 -1.04 19.09
C ASP B 103 15.37 -2.50 18.90
N ASN B 104 14.42 -3.42 18.79
CA ASN B 104 14.74 -4.83 18.63
C ASN B 104 13.85 -5.59 17.64
N HIS B 105 13.27 -4.88 16.69
CA HIS B 105 12.42 -5.52 15.67
C HIS B 105 12.75 -4.95 14.31
N CYS B 106 12.38 -5.69 13.27
CA CYS B 106 12.53 -5.23 11.91
C CYS B 106 13.88 -4.65 11.53
N GLY B 107 14.96 -5.28 11.99
CA GLY B 107 16.29 -4.79 11.66
C GLY B 107 16.52 -3.36 12.12
N ARG B 108 15.75 -2.93 13.12
CA ARG B 108 15.86 -1.59 13.67
C ARG B 108 15.54 -0.51 12.65
N GLU B 109 14.70 -0.83 11.68
CA GLU B 109 14.32 0.14 10.67
C GLU B 109 13.36 1.17 11.26
N GLN B 110 13.17 2.27 10.55
CA GLN B 110 12.26 3.32 10.99
C GLN B 110 10.82 2.85 10.89
N ARG B 111 9.99 3.24 11.85
CA ARG B 111 8.59 2.87 11.80
C ARG B 111 7.90 3.50 10.59
N ARG B 112 6.75 2.96 10.24
CA ARG B 112 6.00 3.46 9.09
C ARG B 112 4.51 3.32 9.37
N ALA B 113 3.73 4.31 8.93
CA ALA B 113 2.29 4.29 9.11
C ALA B 113 1.61 4.14 7.77
N VAL B 114 0.65 3.22 7.69
CA VAL B 114 -0.12 2.98 6.46
C VAL B 114 -1.58 3.19 6.83
N VAL B 115 -2.24 4.11 6.15
CA VAL B 115 -3.65 4.41 6.43
C VAL B 115 -4.51 4.16 5.20
N MET B 116 -5.44 3.21 5.31
CA MET B 116 -6.36 2.89 4.24
C MET B 116 -7.64 3.68 4.45
N ILE B 117 -7.88 4.65 3.59
CA ILE B 117 -9.08 5.50 3.68
C ILE B 117 -10.12 4.99 2.70
N SER B 118 -11.23 4.48 3.23
CA SER B 118 -12.30 3.93 2.41
C SER B 118 -13.46 4.89 2.17
N CYS B 119 -14.08 4.78 1.00
CA CYS B 119 -15.21 5.62 0.65
C CYS B 119 -16.41 5.42 1.56
N ASN B 120 -16.98 6.53 2.01
CA ASN B 120 -18.17 6.55 2.84
C ASN B 120 -18.82 7.88 2.49
N ARG B 121 -19.82 7.84 1.62
CA ARG B 121 -20.50 9.05 1.16
C ARG B 121 -21.24 9.84 2.22
N HIS B 122 -21.38 9.27 3.41
CA HIS B 122 -22.12 9.92 4.49
C HIS B 122 -21.33 10.87 5.38
N THR B 123 -20.01 10.70 5.42
CA THR B 123 -19.17 11.51 6.31
C THR B 123 -17.87 11.97 5.67
N LEU B 124 -17.38 13.14 6.06
CA LEU B 124 -16.13 13.67 5.52
C LEU B 124 -14.94 12.88 6.09
N ALA B 125 -15.11 12.37 7.30
CA ALA B 125 -14.07 11.58 7.96
C ALA B 125 -14.64 10.96 9.23
N ASP B 126 -14.42 9.66 9.40
CA ASP B 126 -14.95 8.97 10.57
C ASP B 126 -14.29 7.61 10.81
N ASN B 127 -14.40 7.15 12.05
CA ASN B 127 -13.89 5.86 12.45
C ASN B 127 -12.40 5.55 12.23
N PHE B 128 -11.53 6.52 12.50
CA PHE B 128 -10.09 6.27 12.38
C PHE B 128 -9.88 5.09 13.33
N ASN B 129 -9.23 4.03 12.84
CA ASN B 129 -9.07 2.84 13.66
C ASN B 129 -7.77 2.09 13.44
N PRO B 130 -7.02 1.80 14.52
CA PRO B 130 -5.77 1.06 14.38
C PRO B 130 -6.18 -0.38 14.07
N VAL B 131 -5.64 -0.96 13.00
CA VAL B 131 -6.01 -2.31 12.62
C VAL B 131 -5.01 -3.35 13.10
N SER B 132 -3.72 -3.10 12.85
CA SER B 132 -2.69 -4.04 13.25
C SER B 132 -1.30 -3.47 13.14
N GLU B 133 -0.33 -4.20 13.68
CA GLU B 133 1.07 -3.81 13.59
C GLU B 133 1.86 -5.05 13.17
N GLU B 134 2.56 -4.93 12.05
CA GLU B 134 3.40 -6.02 11.56
C GLU B 134 4.80 -5.67 12.03
N ARG B 135 5.31 -6.42 13.01
CA ARG B 135 6.65 -6.18 13.53
C ARG B 135 7.45 -7.48 13.51
N GLY B 136 7.01 -8.43 12.69
CA GLY B 136 7.69 -9.71 12.61
C GLY B 136 8.48 -10.00 11.34
N LYS B 137 8.80 -8.97 10.57
CA LYS B 137 9.57 -9.14 9.34
C LYS B 137 11.00 -8.62 9.51
N VAL B 138 11.91 -9.06 8.65
CA VAL B 138 13.30 -8.61 8.73
C VAL B 138 13.40 -7.17 8.25
N GLN B 139 12.40 -6.74 7.48
CA GLN B 139 12.34 -5.39 6.95
C GLN B 139 10.94 -5.12 6.43
N ASP B 140 10.66 -3.87 6.11
CA ASP B 140 9.35 -3.47 5.60
C ASP B 140 8.18 -3.77 6.52
N CYS B 141 8.37 -3.44 7.80
CA CYS B 141 7.31 -3.62 8.78
C CYS B 141 6.44 -2.38 8.68
N PHE B 142 5.30 -2.38 9.38
CA PHE B 142 4.42 -1.21 9.34
C PHE B 142 3.21 -1.33 10.25
N TYR B 143 2.66 -0.17 10.60
CA TYR B 143 1.45 -0.09 11.41
C TYR B 143 0.34 0.21 10.42
N LEU B 144 -0.78 -0.49 10.52
CA LEU B 144 -1.90 -0.29 9.61
C LEU B 144 -3.10 0.32 10.32
N PHE B 145 -3.72 1.32 9.69
CA PHE B 145 -4.89 1.99 10.23
C PHE B 145 -5.91 2.14 9.11
N GLU B 146 -7.17 2.35 9.49
CA GLU B 146 -8.24 2.54 8.54
C GLU B 146 -9.08 3.75 8.97
N MET B 147 -9.75 4.36 8.01
CA MET B 147 -10.62 5.50 8.28
C MET B 147 -11.58 5.65 7.10
N ASP B 148 -12.77 6.18 7.39
CA ASP B 148 -13.80 6.42 6.37
C ASP B 148 -13.75 7.87 5.93
N SER B 149 -14.06 8.13 4.66
CA SER B 149 -14.08 9.50 4.14
C SER B 149 -14.77 9.57 2.80
N SER B 150 -15.70 10.51 2.68
CA SER B 150 -16.44 10.72 1.43
C SER B 150 -15.48 11.17 0.33
N LEU B 151 -14.34 11.72 0.74
CA LEU B 151 -13.33 12.20 -0.20
C LEU B 151 -12.66 11.04 -0.95
N ALA B 152 -12.85 9.82 -0.47
CA ALA B 152 -12.26 8.65 -1.11
C ALA B 152 -13.23 7.98 -2.09
N CYS B 153 -14.41 8.57 -2.26
CA CYS B 153 -15.40 8.02 -3.17
C CYS B 153 -15.17 8.42 -4.62
N SER B 154 -15.68 7.60 -5.53
CA SER B 154 -15.58 7.86 -6.97
C SER B 154 -14.17 8.28 -7.38
#